data_7UAS
#
_entry.id   7UAS
#
_cell.length_a   46.743
_cell.length_b   53.857
_cell.length_c   64.519
_cell.angle_alpha   107.960
_cell.angle_beta   91.310
_cell.angle_gamma   109.390
#
_symmetry.space_group_name_H-M   'P 1'
#
loop_
_entity.id
_entity.type
_entity.pdbx_description
1 polymer 'WD repeat-containing protein 5'
2 non-polymer (5P)-2-[(S)-cyclopropyl(4-methylpyridin-2-yl)methyl]-5-[1-ethyl-3-(trifluoromethyl)-1H-pyrazol-4-yl]-7-[(2-methyl-1H-imidazol-1-yl)methyl]-3,4-dihydroisoquinolin-1(2H)-one
3 water water
#
_entity_poly.entity_id   1
_entity_poly.type   'polypeptide(L)'
_entity_poly.pdbx_seq_one_letter_code
;SATQSKPTPVKPNYALKFTLAGHTKAVSSVKFSPNGEWLASSSADKLIKIWGAYDGKFEKTISGHKLGISDVAWSSDSNL
LVSASDDKTLKIWDVSSGKCLKTLKGHSNYVFCCNFNPQSNLIVSGSFDESVRIWDVKTGKCLKTLPAHSDPVSAVHFNR
DGSLIVSSSYDGLCRIWDTASGQCLKTLIDDDNPPVSFVKFSPNGKYILAATLDNTLKLWDYSKGKCLKTYTGHKNEKYC
IFANFSVTGGKWIVSGSEDNLVYIWNLQTKEIVQKLQGHTDVVISTACHPTENIIASAALENDKTIKLWKSDC
;
_entity_poly.pdbx_strand_id   A,B
#
# COMPACT_ATOMS: atom_id res chain seq x y z
N VAL A 10 -7.51 9.23 -29.07
CA VAL A 10 -6.52 9.78 -28.14
C VAL A 10 -5.19 9.05 -28.30
N LYS A 11 -4.11 9.82 -28.40
CA LYS A 11 -2.77 9.29 -28.54
C LYS A 11 -1.89 10.20 -27.71
N PRO A 12 -0.86 9.66 -27.07
CA PRO A 12 0.11 10.52 -26.40
C PRO A 12 1.00 11.21 -27.41
N ASN A 13 1.80 12.15 -26.93
CA ASN A 13 2.72 12.87 -27.81
C ASN A 13 4.08 13.00 -27.13
N TYR A 14 4.61 11.88 -26.65
CA TYR A 14 5.91 11.85 -26.00
C TYR A 14 6.96 12.46 -26.91
N ALA A 15 7.75 13.38 -26.37
CA ALA A 15 8.83 14.03 -27.08
C ALA A 15 10.08 13.98 -26.23
N LEU A 16 11.23 13.88 -26.89
CA LEU A 16 12.49 13.73 -26.20
C LEU A 16 12.83 15.01 -25.44
N LYS A 17 13.25 14.88 -24.20
CA LYS A 17 13.65 16.02 -23.39
C LYS A 17 15.10 15.98 -22.98
N PHE A 18 15.64 14.81 -22.64
CA PHE A 18 17.02 14.70 -22.21
C PHE A 18 17.59 13.36 -22.64
N THR A 19 18.89 13.37 -22.96
CA THR A 19 19.66 12.14 -23.16
C THR A 19 20.74 12.11 -22.10
N LEU A 20 20.80 11.02 -21.34
CA LEU A 20 21.69 10.91 -20.19
C LEU A 20 22.83 9.97 -20.52
N ALA A 21 24.04 10.50 -20.54
CA ALA A 21 25.22 9.73 -20.89
C ALA A 21 26.13 9.56 -19.68
N GLY A 22 26.77 8.40 -19.58
CA GLY A 22 27.72 8.16 -18.51
C GLY A 22 28.13 6.70 -18.37
N HIS A 23 27.21 5.77 -18.58
CA HIS A 23 27.58 4.36 -18.54
C HIS A 23 28.56 4.03 -19.67
N THR A 24 29.52 3.14 -19.39
CA THR A 24 30.57 2.79 -20.34
C THR A 24 30.34 1.43 -21.01
N LYS A 25 29.24 0.76 -20.68
CA LYS A 25 28.75 -0.42 -21.39
C LYS A 25 27.24 -0.29 -21.50
N ALA A 26 26.60 -1.30 -22.10
CA ALA A 26 25.15 -1.34 -22.21
C ALA A 26 24.47 -1.01 -20.87
N VAL A 27 23.38 -0.23 -20.94
CA VAL A 27 22.51 -0.04 -19.78
C VAL A 27 21.54 -1.20 -19.73
N SER A 28 21.31 -1.75 -18.53
CA SER A 28 20.50 -2.95 -18.40
C SER A 28 19.10 -2.69 -17.83
N SER A 29 18.92 -1.65 -17.03
CA SER A 29 17.62 -1.42 -16.40
C SER A 29 17.56 0.02 -15.91
N VAL A 30 16.42 0.68 -16.08
CA VAL A 30 16.15 1.98 -15.47
C VAL A 30 14.84 1.92 -14.70
N LYS A 31 14.79 2.60 -13.55
CA LYS A 31 13.62 2.58 -12.67
C LYS A 31 13.47 3.94 -12.02
N PHE A 32 12.26 4.50 -12.04
CA PHE A 32 12.01 5.73 -11.30
C PHE A 32 11.82 5.42 -9.82
N SER A 33 12.32 6.30 -8.96
CA SER A 33 12.03 6.12 -7.54
C SER A 33 10.55 6.35 -7.27
N PRO A 34 9.99 5.68 -6.26
CA PRO A 34 8.56 5.87 -5.97
C PRO A 34 8.15 7.30 -5.65
N ASN A 35 9.06 8.11 -5.09
CA ASN A 35 8.74 9.51 -4.81
C ASN A 35 8.92 10.41 -6.03
N GLY A 36 9.22 9.83 -7.20
CA GLY A 36 9.27 10.56 -8.44
C GLY A 36 10.52 11.38 -8.67
N GLU A 37 11.42 11.44 -7.70
CA GLU A 37 12.53 12.39 -7.73
C GLU A 37 13.70 11.93 -8.58
N TRP A 38 13.91 10.61 -8.67
CA TRP A 38 15.13 10.04 -9.20
C TRP A 38 14.86 8.99 -10.26
N LEU A 39 15.84 8.82 -11.14
CA LEU A 39 15.96 7.66 -12.01
C LEU A 39 17.21 6.91 -11.62
N ALA A 40 17.08 5.61 -11.35
CA ALA A 40 18.25 4.76 -11.15
C ALA A 40 18.50 3.94 -12.42
N SER A 41 19.76 3.75 -12.77
CA SER A 41 20.10 2.90 -13.90
C SER A 41 21.18 1.92 -13.46
N SER A 42 21.13 0.71 -14.01
CA SER A 42 22.17 -0.28 -13.80
C SER A 42 22.80 -0.60 -15.14
N SER A 43 24.02 -1.14 -15.11
CA SER A 43 24.68 -1.37 -16.42
C SER A 43 25.61 -2.57 -16.35
N ALA A 44 25.93 -3.10 -17.53
CA ALA A 44 26.97 -4.10 -17.63
C ALA A 44 28.32 -3.59 -17.15
N ASP A 45 28.48 -2.27 -17.00
CA ASP A 45 29.73 -1.69 -16.51
C ASP A 45 29.90 -1.82 -15.00
N LYS A 46 29.02 -2.55 -14.32
CA LYS A 46 29.09 -2.90 -12.88
C LYS A 46 28.63 -1.74 -12.00
N LEU A 47 28.06 -0.70 -12.58
CA LEU A 47 27.70 0.50 -11.82
C LEU A 47 26.19 0.73 -11.82
N ILE A 48 25.75 1.40 -10.75
CA ILE A 48 24.44 2.02 -10.65
C ILE A 48 24.65 3.52 -10.72
N LYS A 49 23.82 4.22 -11.49
CA LYS A 49 23.90 5.67 -11.50
C LYS A 49 22.54 6.24 -11.17
N ILE A 50 22.56 7.39 -10.49
CA ILE A 50 21.34 8.06 -10.05
C ILE A 50 21.31 9.42 -10.75
N TRP A 51 20.14 9.76 -11.30
CA TRP A 51 19.93 10.95 -12.11
C TRP A 51 18.63 11.62 -11.64
N GLY A 52 18.55 12.94 -11.80
CA GLY A 52 17.31 13.64 -11.47
C GLY A 52 16.24 13.30 -12.50
N ALA A 53 15.04 12.96 -12.02
CA ALA A 53 13.99 12.43 -12.90
C ALA A 53 13.41 13.49 -13.81
N TYR A 54 13.49 14.74 -13.41
CA TYR A 54 12.82 15.83 -14.12
C TYR A 54 13.73 16.60 -15.06
N ASP A 55 14.99 16.79 -14.68
CA ASP A 55 15.94 17.51 -15.53
C ASP A 55 17.10 16.65 -15.99
N GLY A 56 17.12 15.37 -15.63
CA GLY A 56 18.12 14.42 -16.07
C GLY A 56 19.52 14.63 -15.52
N LYS A 57 19.70 15.52 -14.54
CA LYS A 57 21.03 15.86 -14.06
C LYS A 57 21.67 14.66 -13.35
N PHE A 58 22.90 14.32 -13.74
CA PHE A 58 23.61 13.24 -13.05
C PHE A 58 23.78 13.57 -11.58
N GLU A 59 23.46 12.60 -10.70
CA GLU A 59 23.57 12.82 -9.27
C GLU A 59 24.73 12.04 -8.67
N LYS A 60 24.77 10.71 -8.85
CA LYS A 60 25.90 9.98 -8.28
C LYS A 60 26.07 8.62 -8.93
N THR A 61 27.26 8.04 -8.73
CA THR A 61 27.56 6.66 -9.09
C THR A 61 27.68 5.83 -7.82
N ILE A 62 27.10 4.63 -7.84
CA ILE A 62 27.16 3.69 -6.75
C ILE A 62 27.87 2.44 -7.26
N SER A 63 28.91 2.02 -6.56
CA SER A 63 29.77 0.95 -7.07
C SER A 63 30.05 -0.07 -5.97
N GLY A 64 30.39 -1.29 -6.39
CA GLY A 64 30.71 -2.34 -5.44
C GLY A 64 30.57 -3.74 -6.00
N HIS A 65 29.65 -3.94 -6.94
CA HIS A 65 29.54 -5.25 -7.56
C HIS A 65 30.81 -5.57 -8.34
N LYS A 66 31.18 -6.85 -8.37
CA LYS A 66 32.39 -7.26 -9.06
C LYS A 66 32.15 -7.68 -10.51
N LEU A 67 30.90 -7.86 -10.91
CA LEU A 67 30.54 -8.10 -12.31
C LEU A 67 29.36 -7.21 -12.67
N GLY A 68 28.92 -7.29 -13.93
CA GLY A 68 27.83 -6.43 -14.39
C GLY A 68 26.52 -6.66 -13.63
N ILE A 69 25.65 -5.64 -13.71
CA ILE A 69 24.37 -5.65 -13.04
C ILE A 69 23.27 -5.76 -14.09
N SER A 70 22.30 -6.65 -13.85
CA SER A 70 21.18 -6.82 -14.77
C SER A 70 19.98 -5.97 -14.39
N ASP A 71 19.80 -5.63 -13.11
CA ASP A 71 18.54 -5.06 -12.66
C ASP A 71 18.76 -4.30 -11.36
N VAL A 72 17.93 -3.28 -11.15
CA VAL A 72 17.87 -2.53 -9.90
C VAL A 72 16.41 -2.29 -9.57
N ALA A 73 16.11 -2.08 -8.28
CA ALA A 73 14.76 -1.78 -7.84
C ALA A 73 14.83 -0.94 -6.58
N TRP A 74 13.80 -0.09 -6.39
CA TRP A 74 13.70 0.85 -5.27
C TRP A 74 12.81 0.32 -4.15
N SER A 75 13.14 0.69 -2.91
CA SER A 75 12.17 0.50 -1.84
C SER A 75 11.07 1.55 -1.94
N SER A 76 9.93 1.29 -1.29
CA SER A 76 8.77 2.17 -1.44
C SER A 76 9.03 3.56 -0.87
N ASP A 77 9.90 3.68 0.12
CA ASP A 77 10.21 4.98 0.67
C ASP A 77 11.36 5.68 -0.08
N SER A 78 11.79 5.11 -1.20
CA SER A 78 12.83 5.66 -2.08
C SER A 78 14.19 5.77 -1.43
N ASN A 79 14.40 5.13 -0.27
CA ASN A 79 15.66 5.28 0.44
C ASN A 79 16.65 4.16 0.13
N LEU A 80 16.17 3.00 -0.31
CA LEU A 80 17.03 1.86 -0.59
C LEU A 80 16.95 1.47 -2.06
N LEU A 81 18.05 0.91 -2.56
CA LEU A 81 18.05 0.21 -3.84
C LEU A 81 18.50 -1.21 -3.60
N VAL A 82 18.04 -2.12 -4.44
CA VAL A 82 18.64 -3.44 -4.52
C VAL A 82 19.08 -3.65 -5.96
N SER A 83 20.22 -4.31 -6.13
CA SER A 83 20.76 -4.62 -7.45
C SER A 83 21.02 -6.13 -7.56
N ALA A 84 20.85 -6.66 -8.77
CA ALA A 84 21.07 -8.07 -9.06
C ALA A 84 22.25 -8.19 -10.01
N SER A 85 23.26 -9.02 -9.68
CA SER A 85 24.50 -8.98 -10.44
C SER A 85 24.93 -10.35 -10.93
N ASP A 86 25.77 -10.36 -11.97
CA ASP A 86 26.42 -11.59 -12.43
C ASP A 86 27.43 -12.14 -11.42
N ASP A 87 27.79 -11.37 -10.38
CA ASP A 87 28.62 -11.93 -9.33
C ASP A 87 27.85 -12.86 -8.38
N LYS A 88 26.59 -13.15 -8.71
CA LYS A 88 25.70 -14.11 -8.04
C LYS A 88 25.14 -13.54 -6.76
N THR A 89 25.33 -12.25 -6.49
CA THR A 89 24.76 -11.63 -5.31
C THR A 89 23.75 -10.57 -5.71
N LEU A 90 22.91 -10.21 -4.74
CA LEU A 90 22.24 -8.93 -4.77
C LEU A 90 22.88 -8.04 -3.72
N LYS A 91 22.81 -6.74 -3.95
CA LYS A 91 23.27 -5.81 -2.90
C LYS A 91 22.17 -4.82 -2.58
N ILE A 92 22.03 -4.50 -1.29
CA ILE A 92 21.11 -3.48 -0.81
C ILE A 92 21.96 -2.26 -0.47
N TRP A 93 21.56 -1.13 -1.05
CA TRP A 93 22.26 0.14 -1.00
C TRP A 93 21.43 1.21 -0.29
N ASP A 94 22.11 2.02 0.53
CA ASP A 94 21.53 3.23 1.06
C ASP A 94 21.79 4.33 0.04
N VAL A 95 20.72 4.85 -0.58
CA VAL A 95 20.86 5.74 -1.73
C VAL A 95 21.55 7.04 -1.32
N SER A 96 21.23 7.55 -0.14
CA SER A 96 21.81 8.82 0.29
C SER A 96 23.31 8.70 0.49
N SER A 97 23.78 7.61 1.10
CA SER A 97 25.20 7.47 1.40
C SER A 97 25.97 6.75 0.32
N GLY A 98 25.29 6.04 -0.58
CA GLY A 98 25.93 5.19 -1.56
C GLY A 98 26.48 3.89 -1.01
N LYS A 99 26.30 3.63 0.30
CA LYS A 99 26.94 2.50 0.96
C LYS A 99 26.17 1.21 0.74
N CYS A 100 26.91 0.11 0.60
CA CYS A 100 26.28 -1.22 0.56
C CYS A 100 25.93 -1.63 1.99
N LEU A 101 24.63 -1.76 2.26
CA LEU A 101 24.17 -2.17 3.57
C LEU A 101 24.21 -3.68 3.73
N LYS A 102 23.88 -4.41 2.66
CA LYS A 102 23.82 -5.86 2.77
C LYS A 102 24.21 -6.49 1.44
N THR A 103 24.85 -7.67 1.50
CA THR A 103 25.08 -8.49 0.31
C THR A 103 24.33 -9.80 0.48
N LEU A 104 23.40 -10.06 -0.44
CA LEU A 104 22.51 -11.21 -0.40
C LEU A 104 23.14 -12.34 -1.20
N LYS A 105 23.60 -13.36 -0.48
CA LYS A 105 24.35 -14.50 -1.03
C LYS A 105 23.51 -15.78 -0.91
N GLY A 106 23.53 -16.59 -1.96
CA GLY A 106 22.76 -17.80 -1.95
C GLY A 106 22.56 -18.36 -3.34
N HIS A 107 22.29 -17.49 -4.31
CA HIS A 107 22.13 -17.94 -5.68
C HIS A 107 23.44 -18.57 -6.19
N SER A 108 23.32 -19.57 -7.05
CA SER A 108 24.50 -20.29 -7.53
C SER A 108 24.84 -19.92 -8.98
N ASN A 109 24.20 -18.89 -9.52
CA ASN A 109 24.45 -18.44 -10.88
C ASN A 109 24.04 -16.97 -10.90
N TYR A 110 24.19 -16.32 -12.05
CA TYR A 110 23.88 -14.90 -12.16
C TYR A 110 22.51 -14.59 -11.59
N VAL A 111 22.39 -13.46 -10.91
CA VAL A 111 21.09 -12.95 -10.47
C VAL A 111 20.60 -11.98 -11.54
N PHE A 112 19.45 -12.27 -12.13
CA PHE A 112 18.96 -11.55 -13.29
C PHE A 112 17.93 -10.47 -12.97
N CYS A 113 17.03 -10.72 -12.02
CA CYS A 113 15.92 -9.79 -11.80
C CYS A 113 15.65 -9.67 -10.32
N CYS A 114 15.09 -8.52 -9.92
CA CYS A 114 14.85 -8.28 -8.50
C CYS A 114 13.72 -7.26 -8.31
N ASN A 115 13.10 -7.30 -7.13
CA ASN A 115 12.06 -6.34 -6.79
C ASN A 115 11.85 -6.37 -5.27
N PHE A 116 11.60 -5.20 -4.67
CA PHE A 116 11.05 -5.15 -3.32
C PHE A 116 9.55 -5.45 -3.38
N ASN A 117 8.99 -5.94 -2.26
CA ASN A 117 7.54 -5.90 -2.14
C ASN A 117 7.11 -4.48 -1.76
N PRO A 118 5.83 -4.14 -1.90
CA PRO A 118 5.42 -2.76 -1.55
C PRO A 118 5.75 -2.41 -0.11
N GLN A 119 5.58 -3.37 0.81
CA GLN A 119 5.99 -3.18 2.20
C GLN A 119 7.47 -2.86 2.31
N SER A 120 8.26 -3.42 1.41
CA SER A 120 9.72 -3.28 1.31
C SER A 120 10.46 -3.94 2.47
N ASN A 121 9.82 -4.89 3.18
CA ASN A 121 10.54 -5.75 4.11
C ASN A 121 11.13 -6.98 3.43
N LEU A 122 10.74 -7.24 2.17
CA LEU A 122 11.21 -8.41 1.42
C LEU A 122 11.78 -7.98 0.08
N ILE A 123 12.74 -8.76 -0.40
CA ILE A 123 13.19 -8.67 -1.78
C ILE A 123 12.93 -10.01 -2.44
N VAL A 124 12.50 -10.00 -3.69
CA VAL A 124 12.40 -11.22 -4.51
C VAL A 124 13.44 -11.14 -5.61
N SER A 125 14.09 -12.28 -5.90
CA SER A 125 15.08 -12.34 -6.96
C SER A 125 14.86 -13.57 -7.81
N GLY A 126 15.23 -13.46 -9.08
CA GLY A 126 15.27 -14.60 -9.99
C GLY A 126 16.65 -14.72 -10.60
N SER A 127 17.06 -15.95 -10.87
CA SER A 127 18.45 -16.23 -11.22
C SER A 127 18.53 -17.19 -12.39
N PHE A 128 19.68 -17.16 -13.04
CA PHE A 128 20.01 -18.18 -14.02
C PHE A 128 20.07 -19.57 -13.39
N ASP A 129 20.14 -19.68 -12.05
CA ASP A 129 20.12 -20.98 -11.39
C ASP A 129 18.72 -21.59 -11.32
N GLU A 130 17.72 -20.95 -11.92
CA GLU A 130 16.36 -21.44 -12.12
C GLU A 130 15.52 -21.32 -10.85
N SER A 131 16.03 -20.66 -9.81
CA SER A 131 15.29 -20.48 -8.58
C SER A 131 14.80 -19.04 -8.41
N VAL A 132 13.78 -18.90 -7.57
CA VAL A 132 13.31 -17.60 -7.10
C VAL A 132 13.60 -17.57 -5.60
N ARG A 133 14.26 -16.51 -5.13
CA ARG A 133 14.55 -16.44 -3.71
C ARG A 133 13.83 -15.24 -3.09
N ILE A 134 13.45 -15.39 -1.83
CA ILE A 134 12.78 -14.34 -1.07
C ILE A 134 13.66 -14.03 0.12
N TRP A 135 14.04 -12.74 0.26
CA TRP A 135 15.05 -12.27 1.20
C TRP A 135 14.46 -11.30 2.21
N ASP A 136 14.95 -11.38 3.45
CA ASP A 136 14.62 -10.40 4.48
C ASP A 136 15.51 -9.17 4.31
N VAL A 137 14.89 -8.00 4.13
CA VAL A 137 15.66 -6.78 3.88
C VAL A 137 16.49 -6.40 5.09
N LYS A 138 15.91 -6.53 6.29
CA LYS A 138 16.58 -6.06 7.50
C LYS A 138 17.85 -6.87 7.79
N THR A 139 17.77 -8.20 7.69
CA THR A 139 18.91 -9.05 8.04
C THR A 139 19.75 -9.45 6.84
N GLY A 140 19.20 -9.39 5.64
CA GLY A 140 19.92 -9.90 4.49
C GLY A 140 19.90 -11.39 4.32
N LYS A 141 19.15 -12.12 5.14
CA LYS A 141 19.09 -13.57 5.08
C LYS A 141 18.04 -14.01 4.06
N CYS A 142 18.33 -15.13 3.40
CA CYS A 142 17.36 -15.74 2.50
C CYS A 142 16.29 -16.42 3.34
N LEU A 143 15.03 -16.05 3.10
CA LEU A 143 13.92 -16.64 3.84
C LEU A 143 13.38 -17.87 3.15
N LYS A 144 13.27 -17.83 1.83
CA LYS A 144 12.75 -18.97 1.09
C LYS A 144 13.49 -19.10 -0.23
N THR A 145 13.72 -20.34 -0.66
CA THR A 145 14.19 -20.66 -2.02
C THR A 145 13.11 -21.49 -2.69
N LEU A 146 12.53 -20.95 -3.76
CA LEU A 146 11.49 -21.63 -4.53
C LEU A 146 12.12 -22.28 -5.76
N PRO A 147 11.94 -23.60 -5.96
CA PRO A 147 12.39 -24.28 -7.19
C PRO A 147 11.43 -23.94 -8.32
N ALA A 148 11.50 -22.69 -8.76
CA ALA A 148 10.36 -22.09 -9.45
C ALA A 148 10.26 -22.53 -10.91
N HIS A 149 11.39 -22.79 -11.57
CA HIS A 149 11.45 -23.00 -13.02
C HIS A 149 12.56 -24.01 -13.36
N SER A 150 12.58 -24.41 -14.64
CA SER A 150 13.57 -25.36 -15.17
C SER A 150 14.48 -24.71 -16.20
N ASP A 151 14.56 -23.38 -16.20
CA ASP A 151 15.43 -22.59 -17.05
C ASP A 151 15.58 -21.22 -16.39
N PRO A 152 16.51 -20.38 -16.85
CA PRO A 152 16.72 -19.08 -16.19
C PRO A 152 15.43 -18.29 -16.00
N VAL A 153 15.31 -17.65 -14.85
CA VAL A 153 14.15 -16.83 -14.49
C VAL A 153 14.31 -15.44 -15.10
N SER A 154 13.37 -15.04 -15.95
CA SER A 154 13.45 -13.77 -16.65
C SER A 154 12.83 -12.58 -15.90
N ALA A 155 11.88 -12.81 -14.99
CA ALA A 155 11.25 -11.71 -14.27
C ALA A 155 10.66 -12.20 -12.95
N VAL A 156 10.61 -11.31 -11.95
CA VAL A 156 9.95 -11.56 -10.67
C VAL A 156 9.32 -10.25 -10.23
N HIS A 157 8.04 -10.29 -9.84
CA HIS A 157 7.32 -9.05 -9.51
C HIS A 157 6.29 -9.33 -8.43
N PHE A 158 6.23 -8.48 -7.40
CA PHE A 158 5.13 -8.58 -6.43
C PHE A 158 3.91 -7.83 -6.93
N ASN A 159 2.72 -8.31 -6.53
CA ASN A 159 1.50 -7.57 -6.81
C ASN A 159 1.34 -6.41 -5.84
N ARG A 160 0.21 -5.70 -5.95
CA ARG A 160 0.07 -4.39 -5.33
C ARG A 160 0.03 -4.47 -3.80
N ASP A 161 -0.39 -5.58 -3.23
CA ASP A 161 -0.38 -5.67 -1.76
C ASP A 161 0.72 -6.60 -1.24
N GLY A 162 1.56 -7.12 -2.13
CA GLY A 162 2.68 -7.96 -1.76
C GLY A 162 2.35 -9.40 -1.49
N SER A 163 1.08 -9.79 -1.58
CA SER A 163 0.71 -11.14 -1.20
C SER A 163 1.05 -12.18 -2.26
N LEU A 164 1.28 -11.74 -3.50
CA LEU A 164 1.57 -12.63 -4.62
C LEU A 164 2.88 -12.24 -5.28
N ILE A 165 3.56 -13.24 -5.85
CA ILE A 165 4.73 -13.05 -6.71
C ILE A 165 4.42 -13.68 -8.06
N VAL A 166 4.73 -13.00 -9.15
CA VAL A 166 4.67 -13.63 -10.47
C VAL A 166 6.09 -13.80 -11.00
N SER A 167 6.37 -14.97 -11.57
CA SER A 167 7.68 -15.23 -12.14
C SER A 167 7.50 -15.72 -13.56
N SER A 168 8.54 -15.56 -14.38
CA SER A 168 8.55 -16.07 -15.73
C SER A 168 9.92 -16.67 -16.04
N SER A 169 9.98 -17.47 -17.10
CA SER A 169 11.23 -18.17 -17.34
C SER A 169 11.36 -18.56 -18.82
N TYR A 170 12.60 -18.81 -19.20
CA TYR A 170 12.89 -19.43 -20.50
C TYR A 170 12.31 -20.82 -20.63
N ASP A 171 11.80 -21.40 -19.55
CA ASP A 171 11.16 -22.71 -19.69
C ASP A 171 9.77 -22.62 -20.31
N GLY A 172 9.30 -21.42 -20.62
CA GLY A 172 8.01 -21.24 -21.27
C GLY A 172 6.88 -21.00 -20.31
N LEU A 173 7.15 -20.93 -19.01
CA LEU A 173 6.11 -20.84 -18.00
C LEU A 173 6.02 -19.46 -17.36
N CYS A 174 4.79 -19.12 -16.98
N CYS A 174 4.81 -19.11 -16.94
CA CYS A 174 4.50 -18.06 -16.01
CA CYS A 174 4.60 -18.02 -16.01
C CYS A 174 3.90 -18.71 -14.78
C CYS A 174 3.88 -18.61 -14.80
N ARG A 175 4.41 -18.36 -13.60
CA ARG A 175 3.84 -18.94 -12.38
C ARG A 175 3.54 -17.85 -11.37
N ILE A 176 2.46 -18.05 -10.61
CA ILE A 176 2.06 -17.13 -9.55
C ILE A 176 2.17 -17.88 -8.23
N TRP A 177 2.81 -17.22 -7.25
CA TRP A 177 3.26 -17.80 -5.99
C TRP A 177 2.66 -17.02 -4.84
N ASP A 178 2.26 -17.75 -3.80
CA ASP A 178 1.86 -17.14 -2.54
C ASP A 178 3.09 -16.69 -1.78
N THR A 179 3.19 -15.39 -1.50
CA THR A 179 4.39 -14.87 -0.84
C THR A 179 4.60 -15.53 0.51
N ALA A 180 3.53 -15.62 1.31
CA ALA A 180 3.69 -16.06 2.69
C ALA A 180 4.23 -17.48 2.78
N SER A 181 3.73 -18.38 1.93
CA SER A 181 4.03 -19.80 2.01
C SER A 181 5.01 -20.29 0.95
N GLY A 182 5.26 -19.53 -0.11
CA GLY A 182 6.09 -19.99 -1.20
C GLY A 182 5.44 -20.99 -2.11
N GLN A 183 4.16 -21.29 -1.92
CA GLN A 183 3.52 -22.32 -2.73
C GLN A 183 3.01 -21.73 -4.04
N CYS A 184 2.99 -22.57 -5.07
CA CYS A 184 2.56 -22.11 -6.39
C CYS A 184 1.03 -22.12 -6.45
N LEU A 185 0.46 -20.95 -6.69
CA LEU A 185 -0.99 -20.84 -6.82
C LEU A 185 -1.46 -21.15 -8.22
N LYS A 186 -0.67 -20.80 -9.23
CA LYS A 186 -1.17 -20.99 -10.58
C LYS A 186 0.00 -21.07 -11.55
N THR A 187 -0.12 -21.93 -12.55
CA THR A 187 0.76 -21.88 -13.72
C THR A 187 -0.09 -21.28 -14.84
N LEU A 188 0.15 -20.00 -15.11
CA LEU A 188 -0.71 -19.18 -15.98
C LEU A 188 -0.41 -19.40 -17.45
N ILE A 189 0.87 -19.49 -17.78
CA ILE A 189 1.31 -19.80 -19.14
C ILE A 189 2.08 -21.10 -19.06
N ASP A 190 1.78 -22.02 -19.97
CA ASP A 190 2.48 -23.29 -20.02
C ASP A 190 2.42 -23.87 -21.43
N ASN A 193 5.40 -23.67 -26.63
CA ASN A 193 5.60 -22.50 -25.78
C ASN A 193 7.03 -21.93 -25.90
N PRO A 194 7.13 -20.69 -26.38
CA PRO A 194 8.43 -20.02 -26.46
C PRO A 194 8.81 -19.45 -25.12
N PRO A 195 10.06 -19.03 -24.93
CA PRO A 195 10.45 -18.44 -23.62
C PRO A 195 9.55 -17.27 -23.25
N VAL A 196 9.18 -17.21 -21.97
CA VAL A 196 8.48 -16.05 -21.43
C VAL A 196 9.57 -15.13 -20.88
N SER A 197 9.75 -13.98 -21.52
CA SER A 197 10.92 -13.15 -21.27
C SER A 197 10.64 -12.02 -20.28
N PHE A 198 9.38 -11.77 -19.94
CA PHE A 198 9.10 -10.70 -18.98
C PHE A 198 7.66 -10.85 -18.52
N VAL A 199 7.43 -10.48 -17.25
CA VAL A 199 6.09 -10.54 -16.68
C VAL A 199 5.99 -9.43 -15.64
N LYS A 200 4.79 -8.84 -15.53
CA LYS A 200 4.53 -7.78 -14.55
C LYS A 200 3.04 -7.76 -14.23
N PHE A 201 2.71 -7.60 -12.95
CA PHE A 201 1.32 -7.39 -12.56
C PHE A 201 0.85 -6.00 -13.01
N SER A 202 -0.43 -5.90 -13.35
CA SER A 202 -1.00 -4.58 -13.59
C SER A 202 -1.17 -3.86 -12.27
N PRO A 203 -1.29 -2.52 -12.28
CA PRO A 203 -1.44 -1.80 -11.01
C PRO A 203 -2.59 -2.26 -10.15
N ASN A 204 -3.72 -2.70 -10.73
CA ASN A 204 -4.80 -3.20 -9.89
C ASN A 204 -4.64 -4.67 -9.52
N GLY A 205 -3.56 -5.33 -9.93
CA GLY A 205 -3.29 -6.71 -9.57
C GLY A 205 -4.14 -7.74 -10.26
N LYS A 206 -5.11 -7.31 -11.08
CA LYS A 206 -6.02 -8.26 -11.72
C LYS A 206 -5.43 -8.88 -12.97
N TYR A 207 -4.48 -8.22 -13.61
CA TYR A 207 -3.92 -8.69 -14.86
C TYR A 207 -2.42 -8.85 -14.74
N ILE A 208 -1.89 -9.62 -15.67
CA ILE A 208 -0.46 -9.84 -15.79
C ILE A 208 -0.08 -9.57 -17.24
N LEU A 209 0.92 -8.72 -17.44
CA LEU A 209 1.48 -8.47 -18.76
C LEU A 209 2.66 -9.43 -18.98
N ALA A 210 2.63 -10.18 -20.08
CA ALA A 210 3.61 -11.24 -20.31
C ALA A 210 4.17 -11.11 -21.72
N ALA A 211 5.50 -11.10 -21.81
CA ALA A 211 6.21 -11.03 -23.08
C ALA A 211 6.73 -12.42 -23.45
N THR A 212 6.61 -12.80 -24.73
CA THR A 212 7.25 -14.01 -25.22
C THR A 212 8.19 -13.67 -26.38
N LEU A 213 9.24 -14.47 -26.55
CA LEU A 213 10.27 -14.16 -27.54
C LEU A 213 9.81 -14.57 -28.93
N ASP A 214 8.62 -14.13 -29.30
CA ASP A 214 8.07 -14.35 -30.63
C ASP A 214 7.30 -13.13 -31.07
N ASN A 215 7.82 -11.94 -30.70
CA ASN A 215 7.23 -10.65 -31.09
C ASN A 215 5.85 -10.45 -30.47
N THR A 216 5.64 -10.88 -29.21
CA THR A 216 4.29 -10.85 -28.65
C THR A 216 4.29 -10.37 -27.20
N LEU A 217 3.37 -9.47 -26.89
CA LEU A 217 3.03 -9.12 -25.51
C LEU A 217 1.56 -9.45 -25.30
N LYS A 218 1.21 -10.00 -24.15
CA LYS A 218 -0.17 -10.42 -23.90
C LYS A 218 -0.61 -9.96 -22.53
N LEU A 219 -1.85 -9.48 -22.45
CA LEU A 219 -2.48 -9.12 -21.19
C LEU A 219 -3.38 -10.27 -20.80
N TRP A 220 -3.10 -10.86 -19.63
CA TRP A 220 -3.79 -12.03 -19.09
C TRP A 220 -4.62 -11.64 -17.87
N ASP A 221 -5.86 -12.14 -17.84
CA ASP A 221 -6.65 -12.06 -16.63
C ASP A 221 -6.14 -13.14 -15.69
N TYR A 222 -5.62 -12.73 -14.53
CA TYR A 222 -4.98 -13.70 -13.65
C TYR A 222 -6.02 -14.65 -13.04
N SER A 223 -7.16 -14.13 -12.59
CA SER A 223 -8.15 -15.01 -11.95
C SER A 223 -8.71 -16.03 -12.93
N LYS A 224 -9.03 -15.60 -14.16
CA LYS A 224 -9.64 -16.50 -15.13
C LYS A 224 -8.62 -17.32 -15.91
N GLY A 225 -7.36 -16.92 -15.95
CA GLY A 225 -6.38 -17.66 -16.72
C GLY A 225 -6.55 -17.51 -18.22
N LYS A 226 -7.07 -16.37 -18.69
CA LYS A 226 -7.40 -16.15 -20.08
C LYS A 226 -6.65 -14.94 -20.62
N CYS A 227 -6.13 -15.06 -21.83
CA CYS A 227 -5.54 -13.91 -22.51
C CYS A 227 -6.65 -12.96 -22.96
N LEU A 228 -6.55 -11.70 -22.54
CA LEU A 228 -7.53 -10.68 -22.89
C LEU A 228 -7.11 -9.80 -24.04
N LYS A 229 -5.80 -9.53 -24.16
CA LYS A 229 -5.32 -8.63 -25.21
C LYS A 229 -3.98 -9.12 -25.72
N THR A 230 -3.69 -8.81 -26.99
CA THR A 230 -2.39 -9.09 -27.59
C THR A 230 -1.85 -7.83 -28.26
N TYR A 231 -0.58 -7.51 -27.99
CA TYR A 231 0.09 -6.33 -28.54
C TYR A 231 1.28 -6.81 -29.37
N THR A 232 1.32 -6.38 -30.64
CA THR A 232 2.41 -6.75 -31.54
C THR A 232 2.86 -5.52 -32.33
N GLY A 233 3.89 -5.72 -33.14
CA GLY A 233 4.51 -4.64 -33.87
C GLY A 233 5.99 -4.50 -33.53
N HIS A 234 6.31 -4.62 -32.24
CA HIS A 234 7.68 -4.49 -31.77
C HIS A 234 8.48 -5.71 -32.19
N LYS A 235 9.81 -5.58 -32.16
CA LYS A 235 10.70 -6.69 -32.44
C LYS A 235 11.20 -7.27 -31.11
N ASN A 236 10.90 -8.53 -30.86
CA ASN A 236 11.39 -9.14 -29.61
C ASN A 236 11.55 -10.64 -29.85
N GLU A 237 12.78 -11.02 -30.25
CA GLU A 237 13.10 -12.41 -30.46
C GLU A 237 14.32 -12.89 -29.67
N LYS A 238 15.02 -11.98 -28.96
CA LYS A 238 16.28 -12.35 -28.31
C LYS A 238 16.36 -11.94 -26.85
N TYR A 239 15.96 -10.72 -26.55
CA TYR A 239 16.21 -10.12 -25.24
C TYR A 239 14.97 -10.10 -24.36
N CYS A 240 15.19 -10.16 -23.06
CA CYS A 240 14.15 -9.86 -22.08
C CYS A 240 14.07 -8.33 -21.96
N ILE A 241 12.91 -7.77 -22.26
CA ILE A 241 12.74 -6.33 -22.37
C ILE A 241 11.71 -5.88 -21.36
N PHE A 242 11.99 -4.79 -20.64
CA PHE A 242 11.04 -4.29 -19.65
C PHE A 242 9.86 -3.65 -20.34
N ALA A 243 8.65 -4.04 -19.94
CA ALA A 243 7.41 -3.39 -20.39
C ALA A 243 6.64 -2.84 -19.20
N ASN A 244 5.64 -2.00 -19.47
CA ASN A 244 5.02 -1.20 -18.42
C ASN A 244 3.56 -0.92 -18.74
N PHE A 245 2.79 -0.74 -17.67
CA PHE A 245 1.50 -0.07 -17.75
C PHE A 245 1.73 1.41 -17.49
N SER A 246 1.40 2.25 -18.46
CA SER A 246 1.39 3.69 -18.23
C SER A 246 -0.01 4.11 -17.83
N VAL A 247 -0.14 4.74 -16.65
CA VAL A 247 -1.44 5.05 -16.06
C VAL A 247 -1.59 6.51 -15.64
N THR A 248 -0.55 7.34 -15.80
CA THR A 248 -0.66 8.72 -15.32
C THR A 248 -1.55 9.57 -16.22
N GLY A 249 -1.63 9.26 -17.51
CA GLY A 249 -2.58 9.90 -18.39
C GLY A 249 -3.49 8.88 -19.04
N GLY A 250 -3.45 8.77 -20.36
CA GLY A 250 -4.12 7.66 -21.03
C GLY A 250 -3.56 6.32 -20.60
N LYS A 251 -4.35 5.27 -20.79
CA LYS A 251 -3.94 3.94 -20.33
C LYS A 251 -3.20 3.25 -21.46
N TRP A 252 -1.86 3.22 -21.37
CA TRP A 252 -1.06 2.66 -22.45
C TRP A 252 -0.27 1.44 -21.97
N ILE A 253 0.15 0.62 -22.93
CA ILE A 253 1.21 -0.36 -22.73
C ILE A 253 2.46 0.22 -23.37
N VAL A 254 3.58 0.16 -22.65
CA VAL A 254 4.85 0.72 -23.13
C VAL A 254 5.87 -0.41 -23.12
N SER A 255 6.64 -0.53 -24.20
CA SER A 255 7.70 -1.54 -24.20
C SER A 255 8.91 -1.04 -24.97
N GLY A 256 10.07 -1.61 -24.65
CA GLY A 256 11.23 -1.47 -25.52
C GLY A 256 11.10 -2.42 -26.71
N SER A 257 12.14 -2.42 -27.54
CA SER A 257 12.08 -3.18 -28.79
C SER A 257 13.50 -3.33 -29.36
N GLU A 258 13.72 -4.43 -30.09
CA GLU A 258 15.02 -4.70 -30.70
C GLU A 258 15.25 -3.92 -31.98
N ASP A 259 14.25 -3.16 -32.45
CA ASP A 259 14.44 -2.28 -33.59
C ASP A 259 14.73 -0.84 -33.17
N ASN A 260 15.15 -0.65 -31.92
CA ASN A 260 15.67 0.60 -31.40
C ASN A 260 14.60 1.62 -31.10
N LEU A 261 13.33 1.22 -31.03
CA LEU A 261 12.22 2.13 -30.77
C LEU A 261 11.53 1.81 -29.46
N VAL A 262 10.91 2.82 -28.87
CA VAL A 262 9.94 2.58 -27.80
C VAL A 262 8.56 2.44 -28.43
N TYR A 263 7.83 1.36 -28.10
CA TYR A 263 6.48 1.17 -28.62
C TYR A 263 5.48 1.51 -27.54
N ILE A 264 4.40 2.19 -27.94
CA ILE A 264 3.30 2.55 -27.06
C ILE A 264 2.01 2.15 -27.74
N TRP A 265 1.20 1.34 -27.05
CA TRP A 265 -0.08 0.84 -27.52
C TRP A 265 -1.21 1.36 -26.65
N ASN A 266 -2.36 1.55 -27.27
CA ASN A 266 -3.60 1.71 -26.54
C ASN A 266 -3.96 0.37 -25.89
N LEU A 267 -4.06 0.35 -24.55
CA LEU A 267 -4.26 -0.90 -23.83
C LEU A 267 -5.55 -1.60 -24.28
N GLN A 268 -6.62 -0.83 -24.50
CA GLN A 268 -7.91 -1.44 -24.81
C GLN A 268 -8.02 -1.83 -26.28
N THR A 269 -7.56 -0.98 -27.19
CA THR A 269 -7.76 -1.26 -28.62
C THR A 269 -6.62 -2.06 -29.22
N LYS A 270 -5.47 -2.14 -28.56
CA LYS A 270 -4.26 -2.83 -29.00
C LYS A 270 -3.56 -2.13 -30.16
N GLU A 271 -4.04 -0.95 -30.58
CA GLU A 271 -3.39 -0.23 -31.67
C GLU A 271 -2.12 0.43 -31.16
N ILE A 272 -1.09 0.45 -32.01
CA ILE A 272 0.09 1.25 -31.70
C ILE A 272 -0.30 2.71 -31.80
N VAL A 273 -0.01 3.47 -30.76
CA VAL A 273 -0.32 4.89 -30.76
C VAL A 273 0.92 5.76 -30.84
N GLN A 274 2.10 5.23 -30.50
CA GLN A 274 3.32 5.99 -30.75
C GLN A 274 4.51 5.06 -30.86
N LYS A 275 5.50 5.45 -31.66
CA LYS A 275 6.82 4.83 -31.64
C LYS A 275 7.83 5.93 -31.44
N LEU A 276 8.68 5.79 -30.43
CA LEU A 276 9.62 6.83 -30.06
C LEU A 276 10.98 6.49 -30.64
N GLN A 277 11.48 7.36 -31.50
CA GLN A 277 12.69 7.14 -32.27
C GLN A 277 13.80 8.02 -31.72
N GLY A 278 15.01 7.47 -31.68
CA GLY A 278 16.14 8.24 -31.18
C GLY A 278 17.31 7.37 -30.75
N HIS A 279 17.01 6.23 -30.12
CA HIS A 279 18.05 5.31 -29.70
C HIS A 279 18.72 4.67 -30.90
N THR A 280 19.98 4.23 -30.70
CA THR A 280 20.80 3.65 -31.75
C THR A 280 21.16 2.20 -31.45
N ASP A 281 20.45 1.56 -30.52
CA ASP A 281 20.60 0.13 -30.25
C ASP A 281 19.31 -0.34 -29.62
N VAL A 282 19.26 -1.65 -29.34
CA VAL A 282 18.11 -2.28 -28.68
C VAL A 282 17.68 -1.47 -27.47
N VAL A 283 16.40 -1.14 -27.40
CA VAL A 283 15.83 -0.46 -26.22
C VAL A 283 15.45 -1.58 -25.25
N ILE A 284 16.34 -1.85 -24.31
CA ILE A 284 16.21 -2.98 -23.41
C ILE A 284 15.32 -2.64 -22.23
N SER A 285 15.15 -1.36 -21.91
CA SER A 285 14.42 -1.02 -20.70
C SER A 285 13.58 0.21 -20.93
N THR A 286 12.34 0.18 -20.44
CA THR A 286 11.50 1.36 -20.34
C THR A 286 10.93 1.42 -18.92
N ALA A 287 10.64 2.63 -18.47
CA ALA A 287 10.03 2.86 -17.16
C ALA A 287 9.11 4.07 -17.26
N CYS A 288 8.02 4.03 -16.51
CA CYS A 288 7.04 5.12 -16.48
C CYS A 288 7.10 5.82 -15.13
N HIS A 289 7.10 7.14 -15.16
CA HIS A 289 7.14 7.97 -13.95
C HIS A 289 5.88 7.77 -13.11
N PRO A 290 6.00 7.82 -11.78
CA PRO A 290 4.82 7.53 -10.93
C PRO A 290 3.70 8.56 -10.98
N THR A 291 3.96 9.83 -11.32
CA THR A 291 2.88 10.82 -11.29
C THR A 291 2.77 11.64 -12.57
N GLU A 292 3.86 11.80 -13.31
CA GLU A 292 3.88 12.58 -14.54
C GLU A 292 3.94 11.67 -15.76
N ASN A 293 3.48 12.20 -16.90
CA ASN A 293 3.55 11.50 -18.19
C ASN A 293 4.99 11.58 -18.72
N ILE A 294 5.88 10.84 -18.06
CA ILE A 294 7.31 10.84 -18.37
C ILE A 294 7.74 9.38 -18.53
N ILE A 295 8.46 9.09 -19.61
CA ILE A 295 9.00 7.77 -19.88
C ILE A 295 10.53 7.85 -19.89
N ALA A 296 11.18 6.88 -19.27
CA ALA A 296 12.62 6.69 -19.39
C ALA A 296 12.85 5.44 -20.23
N SER A 297 13.83 5.51 -21.13
CA SER A 297 14.21 4.38 -21.95
C SER A 297 15.72 4.23 -21.91
N ALA A 298 16.21 3.00 -22.10
CA ALA A 298 17.64 2.77 -22.11
C ALA A 298 18.00 1.67 -23.10
N ALA A 299 19.24 1.78 -23.64
CA ALA A 299 19.65 1.00 -24.79
C ALA A 299 21.01 0.32 -24.58
N LEU A 300 21.29 -0.61 -25.48
CA LEU A 300 22.45 -1.48 -25.34
C LEU A 300 23.72 -0.80 -25.89
N GLU A 301 24.77 -1.58 -26.15
CA GLU A 301 26.11 -1.02 -26.12
C GLU A 301 26.45 -0.12 -27.30
N ASN A 302 25.72 -0.18 -28.42
CA ASN A 302 25.96 0.80 -29.48
C ASN A 302 25.37 2.18 -29.16
N ASP A 303 24.75 2.33 -27.99
CA ASP A 303 24.05 3.55 -27.63
C ASP A 303 24.50 3.96 -26.24
N LYS A 304 24.19 3.13 -25.24
CA LYS A 304 24.62 3.27 -23.84
C LYS A 304 23.97 4.45 -23.13
N THR A 305 22.97 5.08 -23.74
CA THR A 305 22.35 6.24 -23.11
C THR A 305 20.97 5.90 -22.58
N ILE A 306 20.50 6.81 -21.73
CA ILE A 306 19.15 6.83 -21.21
C ILE A 306 18.47 8.07 -21.75
N LYS A 307 17.23 7.94 -22.18
CA LYS A 307 16.48 9.08 -22.69
C LYS A 307 15.21 9.29 -21.87
N LEU A 308 14.91 10.56 -21.60
CA LEU A 308 13.72 10.96 -20.89
C LEU A 308 12.77 11.63 -21.88
N TRP A 309 11.51 11.22 -21.87
CA TRP A 309 10.50 11.72 -22.79
C TRP A 309 9.31 12.22 -22.01
N LYS A 310 8.62 13.23 -22.54
CA LYS A 310 7.48 13.85 -21.90
C LYS A 310 6.28 13.97 -22.84
N SER A 311 5.08 13.67 -22.33
CA SER A 311 3.83 13.77 -23.07
C SER A 311 2.83 14.64 -22.33
N ASP A 312 1.90 15.22 -23.10
CA ASP A 312 0.80 15.98 -22.51
C ASP A 312 -0.34 15.08 -22.03
N CYS A 313 -0.37 13.84 -22.48
CA CYS A 313 -1.38 12.90 -22.03
C CYS A 313 -0.86 11.47 -22.03
N VAL B 10 11.52 -4.19 22.79
CA VAL B 10 12.35 -3.14 23.37
C VAL B 10 11.51 -1.89 23.62
N LYS B 11 11.85 -0.80 22.93
CA LYS B 11 11.00 0.35 22.70
C LYS B 11 11.04 0.67 21.21
N PRO B 12 9.95 1.19 20.65
CA PRO B 12 9.93 1.44 19.21
C PRO B 12 10.72 2.72 18.90
N ASN B 13 11.00 2.90 17.61
CA ASN B 13 11.70 4.10 17.17
C ASN B 13 11.00 4.66 15.92
N TYR B 14 9.71 4.94 16.07
CA TYR B 14 8.94 5.51 14.96
C TYR B 14 9.55 6.84 14.55
N ALA B 15 9.73 7.01 13.24
CA ALA B 15 10.28 8.21 12.66
C ALA B 15 9.38 8.66 11.51
N LEU B 16 9.32 9.98 11.29
CA LEU B 16 8.44 10.53 10.28
C LEU B 16 8.95 10.19 8.88
N LYS B 17 8.06 9.64 8.04
CA LYS B 17 8.39 9.26 6.68
C LYS B 17 7.69 10.10 5.63
N PHE B 18 6.41 10.41 5.82
CA PHE B 18 5.65 11.20 4.85
C PHE B 18 4.67 12.10 5.57
N THR B 19 4.43 13.28 4.99
CA THR B 19 3.32 14.14 5.40
C THR B 19 2.40 14.33 4.20
N LEU B 20 1.15 13.94 4.35
CA LEU B 20 0.19 13.93 3.25
C LEU B 20 -0.74 15.14 3.40
N ALA B 21 -0.66 16.05 2.45
CA ALA B 21 -1.47 17.25 2.44
C ALA B 21 -2.52 17.14 1.35
N GLY B 22 -3.67 17.77 1.57
CA GLY B 22 -4.69 17.77 0.53
C GLY B 22 -6.07 18.10 1.05
N HIS B 23 -6.39 17.61 2.24
CA HIS B 23 -7.67 17.98 2.85
C HIS B 23 -7.66 19.48 3.15
N THR B 24 -8.82 20.12 2.99
CA THR B 24 -8.90 21.56 3.19
C THR B 24 -9.56 21.94 4.49
N LYS B 25 -9.99 20.96 5.29
CA LYS B 25 -10.42 21.15 6.67
C LYS B 25 -9.82 20.03 7.51
N ALA B 26 -10.12 20.04 8.81
CA ALA B 26 -9.65 18.99 9.72
C ALA B 26 -9.88 17.60 9.14
N VAL B 27 -8.88 16.73 9.32
CA VAL B 27 -9.00 15.31 9.00
C VAL B 27 -9.67 14.64 10.19
N SER B 28 -10.71 13.84 9.94
CA SER B 28 -11.45 13.23 11.04
C SER B 28 -11.01 11.79 11.35
N SER B 29 -10.52 11.04 10.38
CA SER B 29 -10.23 9.63 10.63
C SER B 29 -9.32 9.09 9.54
N VAL B 30 -8.33 8.26 9.91
CA VAL B 30 -7.51 7.53 8.94
C VAL B 30 -7.60 6.04 9.25
N LYS B 31 -7.61 5.20 8.20
CA LYS B 31 -7.68 3.76 8.39
C LYS B 31 -6.89 3.05 7.29
N PHE B 32 -6.10 2.06 7.67
CA PHE B 32 -5.40 1.24 6.68
C PHE B 32 -6.33 0.17 6.13
N SER B 33 -6.20 -0.14 4.83
CA SER B 33 -6.98 -1.25 4.33
C SER B 33 -6.47 -2.55 4.94
N PRO B 34 -7.33 -3.57 5.04
CA PRO B 34 -6.87 -4.82 5.64
C PRO B 34 -5.72 -5.48 4.89
N ASN B 35 -5.65 -5.29 3.56
CA ASN B 35 -4.54 -5.87 2.82
C ASN B 35 -3.27 -5.02 2.88
N GLY B 36 -3.29 -3.94 3.69
CA GLY B 36 -2.13 -3.10 3.91
C GLY B 36 -1.80 -2.12 2.82
N GLU B 37 -2.50 -2.16 1.69
CA GLU B 37 -2.06 -1.41 0.50
C GLU B 37 -2.39 0.08 0.59
N TRP B 38 -3.48 0.44 1.27
CA TRP B 38 -4.05 1.79 1.21
C TRP B 38 -4.20 2.39 2.60
N LEU B 39 -4.17 3.72 2.66
CA LEU B 39 -4.71 4.49 3.78
C LEU B 39 -5.89 5.27 3.24
N ALA B 40 -7.03 5.20 3.94
CA ALA B 40 -8.18 6.05 3.63
C ALA B 40 -8.25 7.13 4.69
N SER B 41 -8.59 8.34 4.27
CA SER B 41 -8.77 9.44 5.21
C SER B 41 -10.12 10.09 4.93
N SER B 42 -10.80 10.52 6.00
CA SER B 42 -12.03 11.27 5.86
C SER B 42 -11.83 12.65 6.46
N SER B 43 -12.68 13.60 6.06
CA SER B 43 -12.45 14.96 6.56
C SER B 43 -13.75 15.75 6.69
N ALA B 44 -13.70 16.78 7.53
CA ALA B 44 -14.75 17.79 7.57
C ALA B 44 -14.97 18.44 6.21
N ASP B 45 -14.02 18.31 5.27
CA ASP B 45 -14.19 18.89 3.93
C ASP B 45 -15.10 18.05 3.02
N LYS B 46 -15.79 17.05 3.57
CA LYS B 46 -16.79 16.21 2.89
C LYS B 46 -16.16 15.18 1.97
N LEU B 47 -14.85 14.99 2.04
CA LEU B 47 -14.12 14.14 1.10
C LEU B 47 -13.50 12.95 1.82
N ILE B 48 -13.37 11.87 1.06
CA ILE B 48 -12.49 10.75 1.39
C ILE B 48 -11.32 10.81 0.43
N LYS B 49 -10.11 10.60 0.93
CA LYS B 49 -8.95 10.51 0.07
C LYS B 49 -8.25 9.18 0.32
N ILE B 50 -7.78 8.56 -0.76
CA ILE B 50 -7.06 7.29 -0.71
C ILE B 50 -5.60 7.56 -1.06
N TRP B 51 -4.69 7.00 -0.25
CA TRP B 51 -3.26 7.18 -0.36
C TRP B 51 -2.55 5.84 -0.31
N GLY B 52 -1.40 5.74 -0.99
CA GLY B 52 -0.61 4.52 -0.89
C GLY B 52 0.02 4.42 0.49
N ALA B 53 -0.08 3.24 1.12
CA ALA B 53 0.32 3.14 2.52
C ALA B 53 1.83 3.20 2.69
N TYR B 54 2.59 2.82 1.67
CA TYR B 54 4.03 2.67 1.81
C TYR B 54 4.82 3.80 1.17
N ASP B 55 4.27 4.46 0.15
CA ASP B 55 4.95 5.59 -0.46
C ASP B 55 4.19 6.89 -0.26
N GLY B 56 3.06 6.86 0.42
CA GLY B 56 2.26 8.04 0.66
C GLY B 56 1.64 8.66 -0.57
N LYS B 57 1.70 7.98 -1.72
CA LYS B 57 1.27 8.61 -2.96
C LYS B 57 -0.24 8.78 -3.00
N PHE B 58 -0.69 9.99 -3.36
CA PHE B 58 -2.12 10.24 -3.50
C PHE B 58 -2.71 9.41 -4.62
N GLU B 59 -3.80 8.71 -4.30
CA GLU B 59 -4.45 7.85 -5.28
C GLU B 59 -5.72 8.50 -5.82
N LYS B 60 -6.67 8.82 -4.94
CA LYS B 60 -7.90 9.41 -5.49
C LYS B 60 -8.69 10.12 -4.41
N THR B 61 -9.62 10.96 -4.86
CA THR B 61 -10.61 11.60 -4.01
C THR B 61 -11.97 10.97 -4.30
N ILE B 62 -12.71 10.68 -3.23
CA ILE B 62 -14.06 10.13 -3.30
C ILE B 62 -15.02 11.15 -2.71
N SER B 63 -16.02 11.56 -3.49
CA SER B 63 -16.90 12.64 -3.08
C SER B 63 -18.36 12.25 -3.29
N GLY B 64 -19.25 12.94 -2.57
CA GLY B 64 -20.67 12.73 -2.71
C GLY B 64 -21.47 13.13 -1.49
N HIS B 65 -20.88 13.01 -0.31
CA HIS B 65 -21.57 13.46 0.90
C HIS B 65 -21.79 14.96 0.82
N LYS B 66 -22.92 15.41 1.36
CA LYS B 66 -23.27 16.82 1.29
C LYS B 66 -22.77 17.60 2.51
N LEU B 67 -22.34 16.91 3.55
CA LEU B 67 -21.77 17.51 4.74
C LEU B 67 -20.51 16.75 5.12
N GLY B 68 -19.85 17.20 6.19
CA GLY B 68 -18.58 16.61 6.56
C GLY B 68 -18.69 15.15 6.98
N ILE B 69 -17.55 14.47 6.98
CA ILE B 69 -17.47 13.03 7.26
C ILE B 69 -16.71 12.85 8.57
N SER B 70 -17.27 12.07 9.50
CA SER B 70 -16.59 11.79 10.76
C SER B 70 -15.74 10.53 10.73
N ASP B 71 -16.07 9.55 9.89
CA ASP B 71 -15.43 8.24 10.03
C ASP B 71 -15.51 7.51 8.70
N VAL B 72 -14.58 6.57 8.52
CA VAL B 72 -14.56 5.70 7.35
C VAL B 72 -14.08 4.34 7.82
N ALA B 73 -14.48 3.30 7.10
CA ALA B 73 -14.03 1.95 7.45
C ALA B 73 -14.02 1.08 6.20
N TRP B 74 -13.15 0.08 6.21
CA TRP B 74 -12.88 -0.84 5.10
C TRP B 74 -13.58 -2.18 5.27
N SER B 75 -14.03 -2.75 4.15
CA SER B 75 -14.47 -4.14 4.14
C SER B 75 -13.26 -5.07 4.21
N SER B 76 -13.52 -6.33 4.58
CA SER B 76 -12.40 -7.26 4.80
C SER B 76 -11.60 -7.53 3.54
N ASP B 77 -12.20 -7.43 2.37
CA ASP B 77 -11.48 -7.68 1.13
C ASP B 77 -10.81 -6.43 0.56
N SER B 78 -10.85 -5.32 1.30
CA SER B 78 -10.25 -4.04 0.95
C SER B 78 -10.87 -3.41 -0.30
N ASN B 79 -12.05 -3.89 -0.72
CA ASN B 79 -12.67 -3.41 -1.94
C ASN B 79 -13.73 -2.33 -1.69
N LEU B 80 -14.32 -2.29 -0.50
CA LEU B 80 -15.39 -1.35 -0.19
C LEU B 80 -14.97 -0.46 0.97
N LEU B 81 -15.51 0.75 0.96
CA LEU B 81 -15.40 1.65 2.11
C LEU B 81 -16.81 2.05 2.54
N VAL B 82 -16.98 2.31 3.83
CA VAL B 82 -18.20 2.96 4.30
C VAL B 82 -17.80 4.25 5.01
N SER B 83 -18.60 5.30 4.79
CA SER B 83 -18.35 6.59 5.42
C SER B 83 -19.57 7.01 6.24
N ALA B 84 -19.32 7.73 7.34
CA ALA B 84 -20.38 8.21 8.23
C ALA B 84 -20.37 9.73 8.21
N SER B 85 -21.52 10.35 7.92
CA SER B 85 -21.52 11.78 7.61
C SER B 85 -22.52 12.57 8.45
N ASP B 86 -22.25 13.87 8.56
CA ASP B 86 -23.21 14.78 9.20
C ASP B 86 -24.48 14.97 8.39
N ASP B 87 -24.52 14.51 7.13
CA ASP B 87 -25.76 14.56 6.36
C ASP B 87 -26.74 13.44 6.76
N LYS B 88 -26.43 12.72 7.83
CA LYS B 88 -27.26 11.73 8.50
C LYS B 88 -27.25 10.40 7.79
N THR B 89 -26.38 10.22 6.81
CA THR B 89 -26.31 8.98 6.06
C THR B 89 -24.94 8.34 6.23
N LEU B 90 -24.91 7.05 5.89
CA LEU B 90 -23.65 6.43 5.53
C LEU B 90 -23.64 6.17 4.05
N LYS B 91 -22.46 6.11 3.47
CA LYS B 91 -22.36 5.71 2.07
C LYS B 91 -21.39 4.56 1.94
N ILE B 92 -21.75 3.59 1.09
CA ILE B 92 -20.89 2.47 0.72
C ILE B 92 -20.32 2.79 -0.65
N TRP B 93 -19.00 2.71 -0.75
CA TRP B 93 -18.22 3.08 -1.92
C TRP B 93 -17.45 1.89 -2.46
N ASP B 94 -17.46 1.74 -3.79
CA ASP B 94 -16.51 0.87 -4.48
C ASP B 94 -15.18 1.62 -4.60
N VAL B 95 -14.14 1.14 -3.93
CA VAL B 95 -12.89 1.91 -3.87
C VAL B 95 -12.27 2.01 -5.25
N SER B 96 -12.37 0.95 -6.04
CA SER B 96 -11.70 0.93 -7.33
C SER B 96 -12.29 1.98 -8.28
N SER B 97 -13.62 2.15 -8.25
CA SER B 97 -14.30 3.07 -9.15
C SER B 97 -14.61 4.41 -8.50
N GLY B 98 -14.55 4.51 -7.18
CA GLY B 98 -14.98 5.71 -6.50
C GLY B 98 -16.47 5.96 -6.52
N LYS B 99 -17.27 5.01 -6.98
CA LYS B 99 -18.71 5.23 -7.07
C LYS B 99 -19.41 4.83 -5.78
N CYS B 100 -20.42 5.62 -5.42
CA CYS B 100 -21.28 5.29 -4.29
C CYS B 100 -22.21 4.16 -4.69
N LEU B 101 -22.08 3.01 -4.01
CA LEU B 101 -22.94 1.87 -4.28
C LEU B 101 -24.27 1.99 -3.54
N LYS B 102 -24.23 2.41 -2.28
CA LYS B 102 -25.47 2.51 -1.51
C LYS B 102 -25.41 3.72 -0.60
N THR B 103 -26.58 4.32 -0.34
CA THR B 103 -26.70 5.33 0.71
C THR B 103 -27.62 4.78 1.80
N LEU B 104 -27.10 4.69 3.01
CA LEU B 104 -27.77 4.06 4.14
C LEU B 104 -28.47 5.16 4.91
N LYS B 105 -29.80 5.20 4.81
CA LYS B 105 -30.61 6.25 5.39
C LYS B 105 -31.45 5.69 6.53
N GLY B 106 -31.56 6.46 7.60
CA GLY B 106 -32.33 5.99 8.74
C GLY B 106 -32.01 6.75 10.01
N HIS B 107 -30.74 7.09 10.21
CA HIS B 107 -30.39 7.90 11.38
C HIS B 107 -31.05 9.26 11.27
N SER B 108 -31.35 9.86 12.43
CA SER B 108 -32.03 11.15 12.46
C SER B 108 -31.11 12.27 12.92
N ASN B 109 -29.81 12.03 12.97
CA ASN B 109 -28.83 13.04 13.33
C ASN B 109 -27.51 12.57 12.75
N TYR B 110 -26.45 13.34 13.01
CA TYR B 110 -25.14 12.99 12.48
C TYR B 110 -24.79 11.53 12.72
N VAL B 111 -24.26 10.87 11.70
CA VAL B 111 -23.63 9.56 11.90
C VAL B 111 -22.16 9.82 12.24
N PHE B 112 -21.73 9.32 13.40
CA PHE B 112 -20.40 9.62 13.92
C PHE B 112 -19.41 8.51 13.66
N CYS B 113 -19.82 7.25 13.72
CA CYS B 113 -18.85 6.16 13.68
C CYS B 113 -19.40 4.96 12.92
N CYS B 114 -18.49 4.17 12.33
CA CYS B 114 -18.94 3.04 11.52
C CYS B 114 -17.86 1.96 11.47
N ASN B 115 -18.28 0.75 11.13
CA ASN B 115 -17.36 -0.38 10.97
C ASN B 115 -18.07 -1.51 10.24
N PHE B 116 -17.30 -2.26 9.42
CA PHE B 116 -17.78 -3.52 8.85
C PHE B 116 -17.52 -4.63 9.86
N ASN B 117 -18.32 -5.70 9.79
CA ASN B 117 -17.96 -6.94 10.50
C ASN B 117 -16.93 -7.73 9.69
N PRO B 118 -16.30 -8.73 10.29
CA PRO B 118 -15.27 -9.49 9.55
C PRO B 118 -15.77 -10.11 8.25
N GLN B 119 -16.94 -10.74 8.28
N GLN B 119 -16.94 -10.73 8.24
CA GLN B 119 -17.60 -11.21 7.07
CA GLN B 119 -17.47 -11.23 6.97
C GLN B 119 -17.72 -10.09 6.05
C GLN B 119 -17.79 -10.10 6.01
N SER B 120 -17.98 -8.88 6.54
CA SER B 120 -18.28 -7.68 5.76
C SER B 120 -19.62 -7.77 5.04
N ASN B 121 -20.54 -8.62 5.53
CA ASN B 121 -21.92 -8.55 5.07
C ASN B 121 -22.72 -7.51 5.85
N LEU B 122 -22.18 -7.00 6.96
CA LEU B 122 -22.86 -6.05 7.84
C LEU B 122 -22.01 -4.81 8.08
N ILE B 123 -22.69 -3.69 8.30
CA ILE B 123 -22.08 -2.47 8.79
C ILE B 123 -22.78 -2.09 10.09
N VAL B 124 -22.00 -1.64 11.07
CA VAL B 124 -22.57 -1.07 12.29
C VAL B 124 -22.25 0.42 12.32
N SER B 125 -23.22 1.23 12.75
CA SER B 125 -23.07 2.68 12.80
C SER B 125 -23.54 3.21 14.15
N GLY B 126 -22.93 4.30 14.59
CA GLY B 126 -23.38 5.01 15.77
C GLY B 126 -23.61 6.47 15.45
N SER B 127 -24.61 7.06 16.10
CA SER B 127 -25.08 8.39 15.67
C SER B 127 -25.29 9.32 16.87
N PHE B 128 -25.28 10.62 16.57
CA PHE B 128 -25.73 11.60 17.56
C PHE B 128 -27.17 11.38 17.96
N ASP B 129 -27.95 10.60 17.19
CA ASP B 129 -29.32 10.31 17.58
C ASP B 129 -29.43 9.24 18.68
N GLU B 130 -28.29 8.79 19.22
CA GLU B 130 -28.16 7.95 20.41
C GLU B 130 -28.42 6.49 20.09
N SER B 131 -28.56 6.13 18.82
CA SER B 131 -28.83 4.75 18.43
C SER B 131 -27.62 4.13 17.75
N VAL B 132 -27.61 2.80 17.75
CA VAL B 132 -26.68 2.00 16.97
C VAL B 132 -27.50 1.29 15.91
N ARG B 133 -27.06 1.32 14.67
CA ARG B 133 -27.80 0.64 13.61
C ARG B 133 -26.93 -0.42 12.95
N ILE B 134 -27.57 -1.52 12.55
CA ILE B 134 -26.92 -2.65 11.88
C ILE B 134 -27.55 -2.77 10.50
N TRP B 135 -26.71 -2.67 9.47
CA TRP B 135 -27.12 -2.56 8.07
C TRP B 135 -26.63 -3.75 7.26
N ASP B 136 -27.48 -4.17 6.32
CA ASP B 136 -27.12 -5.20 5.33
C ASP B 136 -26.37 -4.53 4.20
N VAL B 137 -25.12 -4.97 3.97
CA VAL B 137 -24.27 -4.35 2.96
C VAL B 137 -24.84 -4.54 1.58
N LYS B 138 -25.29 -5.75 1.27
CA LYS B 138 -25.76 -6.07 -0.08
C LYS B 138 -26.96 -5.21 -0.47
N THR B 139 -27.93 -5.08 0.42
CA THR B 139 -29.17 -4.41 0.07
C THR B 139 -29.25 -2.97 0.56
N GLY B 140 -28.44 -2.58 1.54
CA GLY B 140 -28.60 -1.28 2.16
C GLY B 140 -29.68 -1.21 3.22
N LYS B 141 -30.38 -2.31 3.48
CA LYS B 141 -31.46 -2.32 4.45
C LYS B 141 -30.93 -2.18 5.88
N CYS B 142 -31.63 -1.38 6.69
CA CYS B 142 -31.34 -1.32 8.12
C CYS B 142 -32.00 -2.53 8.78
N LEU B 143 -31.18 -3.50 9.19
CA LEU B 143 -31.70 -4.71 9.80
C LEU B 143 -32.14 -4.47 11.23
N LYS B 144 -31.42 -3.62 11.94
CA LYS B 144 -31.77 -3.43 13.35
C LYS B 144 -31.41 -2.02 13.78
N THR B 145 -32.26 -1.46 14.66
CA THR B 145 -31.98 -0.20 15.35
C THR B 145 -31.95 -0.47 16.84
N LEU B 146 -30.81 -0.32 17.45
CA LEU B 146 -30.58 -0.55 18.87
C LEU B 146 -30.70 0.77 19.64
N PRO B 147 -31.59 0.84 20.65
CA PRO B 147 -31.70 2.00 21.54
C PRO B 147 -30.54 2.00 22.51
N ALA B 148 -29.35 2.22 21.95
CA ALA B 148 -28.14 1.77 22.63
C ALA B 148 -27.75 2.67 23.79
N HIS B 149 -27.99 3.98 23.66
CA HIS B 149 -27.43 4.95 24.60
C HIS B 149 -28.41 6.11 24.78
N SER B 150 -28.06 7.04 25.70
CA SER B 150 -28.89 8.21 25.99
C SER B 150 -28.13 9.50 25.71
N ASP B 151 -27.11 9.41 24.87
CA ASP B 151 -26.32 10.54 24.40
C ASP B 151 -25.63 10.09 23.13
N PRO B 152 -24.97 11.01 22.41
CA PRO B 152 -24.30 10.60 21.16
C PRO B 152 -23.37 9.41 21.35
N VAL B 153 -23.38 8.52 20.35
CA VAL B 153 -22.58 7.31 20.37
C VAL B 153 -21.21 7.62 19.80
N SER B 154 -20.16 7.34 20.58
CA SER B 154 -18.81 7.76 20.21
C SER B 154 -18.01 6.68 19.48
N ALA B 155 -18.39 5.41 19.56
CA ALA B 155 -17.68 4.37 18.83
C ALA B 155 -18.53 3.12 18.73
N VAL B 156 -18.34 2.35 17.66
CA VAL B 156 -18.93 1.03 17.47
C VAL B 156 -17.89 0.13 16.84
N HIS B 157 -17.76 -1.10 17.34
CA HIS B 157 -16.73 -2.00 16.83
C HIS B 157 -17.17 -3.45 16.96
N PHE B 158 -16.98 -4.23 15.90
CA PHE B 158 -17.21 -5.67 15.98
C PHE B 158 -15.99 -6.38 16.54
N ASN B 159 -16.22 -7.48 17.26
CA ASN B 159 -15.15 -8.36 17.71
C ASN B 159 -14.68 -9.26 16.57
N ARG B 160 -13.80 -10.20 16.91
CA ARG B 160 -12.96 -10.89 15.94
C ARG B 160 -13.78 -11.64 14.90
N ASP B 161 -14.92 -12.20 15.31
CA ASP B 161 -15.76 -12.96 14.39
C ASP B 161 -17.10 -12.27 14.11
N GLY B 162 -17.29 -11.05 14.60
CA GLY B 162 -18.51 -10.30 14.34
C GLY B 162 -19.71 -10.67 15.20
N SER B 163 -19.56 -11.60 16.15
CA SER B 163 -20.70 -11.99 16.99
C SER B 163 -21.06 -10.94 18.03
N LEU B 164 -20.15 -10.02 18.36
CA LEU B 164 -20.39 -8.97 19.34
C LEU B 164 -20.12 -7.62 18.73
N ILE B 165 -20.84 -6.60 19.24
CA ILE B 165 -20.57 -5.20 18.97
C ILE B 165 -20.27 -4.52 20.29
N VAL B 166 -19.19 -3.73 20.36
CA VAL B 166 -19.00 -2.87 21.53
C VAL B 166 -19.31 -1.44 21.12
N SER B 167 -19.98 -0.71 22.01
CA SER B 167 -20.35 0.68 21.75
C SER B 167 -20.03 1.50 22.99
N SER B 168 -19.86 2.81 22.78
CA SER B 168 -19.57 3.74 23.86
C SER B 168 -20.31 5.04 23.61
N SER B 169 -20.45 5.86 24.65
CA SER B 169 -21.30 7.02 24.45
C SER B 169 -20.93 8.12 25.42
N TYR B 170 -21.32 9.34 25.06
CA TYR B 170 -21.26 10.46 25.98
C TYR B 170 -22.15 10.26 27.20
N ASP B 171 -23.03 9.26 27.20
CA ASP B 171 -23.82 9.01 28.42
C ASP B 171 -22.98 8.37 29.53
N GLY B 172 -21.72 8.04 29.26
CA GLY B 172 -20.84 7.45 30.25
C GLY B 172 -20.80 5.95 30.23
N LEU B 173 -21.46 5.31 29.28
CA LEU B 173 -21.57 3.86 29.24
C LEU B 173 -20.72 3.26 28.14
N CYS B 174 -20.29 2.02 28.37
CA CYS B 174 -19.83 1.13 27.31
C CYS B 174 -20.68 -0.13 27.38
N ARG B 175 -21.30 -0.52 26.27
CA ARG B 175 -22.14 -1.71 26.26
C ARG B 175 -21.66 -2.69 25.19
N ILE B 176 -21.93 -3.96 25.42
CA ILE B 176 -21.63 -5.03 24.48
C ILE B 176 -22.93 -5.68 24.07
N TRP B 177 -23.11 -5.86 22.75
CA TRP B 177 -24.35 -6.30 22.10
C TRP B 177 -24.11 -7.58 21.34
N ASP B 178 -25.11 -8.45 21.37
CA ASP B 178 -25.15 -9.65 20.54
C ASP B 178 -25.58 -9.24 19.14
N THR B 179 -24.70 -9.40 18.17
CA THR B 179 -25.02 -8.95 16.82
C THR B 179 -26.29 -9.59 16.29
N ALA B 180 -26.42 -10.90 16.44
CA ALA B 180 -27.50 -11.61 15.77
C ALA B 180 -28.87 -11.16 16.25
N SER B 181 -29.02 -10.90 17.56
CA SER B 181 -30.31 -10.56 18.14
C SER B 181 -30.44 -9.08 18.46
N GLY B 182 -29.35 -8.33 18.46
CA GLY B 182 -29.38 -6.94 18.90
C GLY B 182 -29.52 -6.72 20.38
N GLN B 183 -29.58 -7.78 21.19
CA GLN B 183 -29.83 -7.61 22.62
C GLN B 183 -28.54 -7.33 23.37
N CYS B 184 -28.65 -6.62 24.50
CA CYS B 184 -27.48 -6.24 25.30
C CYS B 184 -26.97 -7.45 26.07
N LEU B 185 -25.67 -7.71 25.96
CA LEU B 185 -25.05 -8.75 26.75
C LEU B 185 -24.39 -8.22 28.00
N LYS B 186 -23.85 -7.01 27.96
CA LYS B 186 -23.13 -6.52 29.14
C LYS B 186 -23.05 -5.01 29.12
N THR B 187 -23.21 -4.37 30.28
CA THR B 187 -22.80 -2.97 30.43
C THR B 187 -21.47 -2.99 31.17
N LEU B 188 -20.38 -2.76 30.42
CA LEU B 188 -19.01 -2.90 30.91
C LEU B 188 -18.61 -1.74 31.80
N ILE B 189 -18.91 -0.52 31.37
CA ILE B 189 -18.63 0.72 32.10
C ILE B 189 -19.95 1.41 32.35
N ASP B 190 -20.20 1.80 33.59
CA ASP B 190 -21.47 2.43 33.97
C ASP B 190 -21.19 3.53 34.99
N ASP B 191 -21.01 4.76 34.50
CA ASP B 191 -21.07 5.97 35.31
C ASP B 191 -21.80 7.01 34.48
N ASP B 192 -22.15 8.14 35.09
CA ASP B 192 -22.85 9.20 34.31
C ASP B 192 -21.81 10.20 33.80
N ASN B 193 -20.55 9.98 34.14
CA ASN B 193 -19.47 10.88 33.72
C ASN B 193 -18.17 10.17 34.13
N PRO B 194 -17.05 10.32 33.40
CA PRO B 194 -17.03 11.11 32.19
C PRO B 194 -17.49 10.37 30.94
N PRO B 195 -17.69 11.09 29.83
CA PRO B 195 -17.98 10.42 28.59
C PRO B 195 -16.97 9.32 28.26
N VAL B 196 -17.46 8.18 27.79
CA VAL B 196 -16.60 7.15 27.22
C VAL B 196 -16.47 7.53 25.76
N SER B 197 -15.27 7.93 25.36
CA SER B 197 -15.06 8.61 24.08
C SER B 197 -14.63 7.67 22.97
N PHE B 198 -14.19 6.45 23.29
CA PHE B 198 -13.75 5.54 22.26
C PHE B 198 -13.67 4.14 22.86
N VAL B 199 -14.02 3.13 22.07
CA VAL B 199 -13.84 1.73 22.51
C VAL B 199 -13.46 0.90 21.31
N LYS B 200 -12.67 -0.14 21.56
CA LYS B 200 -12.25 -1.06 20.52
C LYS B 200 -11.93 -2.41 21.14
N PHE B 201 -12.36 -3.49 20.47
CA PHE B 201 -11.89 -4.83 20.85
C PHE B 201 -10.41 -5.00 20.53
N SER B 202 -9.72 -5.77 21.37
CA SER B 202 -8.39 -6.25 21.04
C SER B 202 -8.46 -7.24 19.88
N PRO B 203 -7.36 -7.41 19.14
CA PRO B 203 -7.37 -8.38 18.03
C PRO B 203 -7.91 -9.77 18.38
N ASN B 204 -7.68 -10.29 19.58
CA ASN B 204 -8.20 -11.62 19.92
C ASN B 204 -9.60 -11.57 20.53
N GLY B 205 -10.20 -10.39 20.65
CA GLY B 205 -11.58 -10.26 21.09
C GLY B 205 -11.80 -10.40 22.58
N LYS B 206 -10.75 -10.70 23.37
CA LYS B 206 -10.91 -10.91 24.79
C LYS B 206 -10.86 -9.62 25.60
N TYR B 207 -10.24 -8.57 25.08
CA TYR B 207 -10.14 -7.32 25.81
C TYR B 207 -10.80 -6.19 25.05
N ILE B 208 -11.11 -5.13 25.79
CA ILE B 208 -11.68 -3.92 25.22
C ILE B 208 -10.82 -2.75 25.70
N LEU B 209 -10.32 -1.96 24.76
CA LEU B 209 -9.65 -0.69 25.07
C LEU B 209 -10.68 0.42 25.11
N ALA B 210 -10.73 1.19 26.21
CA ALA B 210 -11.73 2.23 26.36
C ALA B 210 -11.08 3.54 26.75
N ALA B 211 -11.45 4.63 26.07
CA ALA B 211 -10.96 5.95 26.43
C ALA B 211 -12.07 6.72 27.14
N THR B 212 -11.68 7.54 28.12
CA THR B 212 -12.62 8.44 28.77
C THR B 212 -12.06 9.86 28.70
N LEU B 213 -12.96 10.85 28.76
CA LEU B 213 -12.53 12.25 28.58
C LEU B 213 -11.95 12.78 29.90
N ASP B 214 -10.96 12.04 30.40
CA ASP B 214 -10.25 12.42 31.61
C ASP B 214 -8.80 11.98 31.51
N ASN B 215 -8.24 12.05 30.30
CA ASN B 215 -6.81 11.80 30.06
C ASN B 215 -6.42 10.38 30.43
N THR B 216 -7.34 9.43 30.20
CA THR B 216 -7.16 8.05 30.61
C THR B 216 -7.66 7.09 29.54
N LEU B 217 -6.86 6.03 29.31
CA LEU B 217 -7.25 4.85 28.57
C LEU B 217 -7.21 3.65 29.51
N LYS B 218 -8.11 2.69 29.32
CA LYS B 218 -8.11 1.51 30.16
C LYS B 218 -8.29 0.26 29.30
N LEU B 219 -7.59 -0.80 29.66
CA LEU B 219 -7.76 -2.11 29.05
C LEU B 219 -8.60 -2.95 29.99
N TRP B 220 -9.73 -3.44 29.48
CA TRP B 220 -10.75 -4.19 30.20
C TRP B 220 -10.78 -5.65 29.74
N ASP B 221 -10.91 -6.55 30.70
CA ASP B 221 -11.21 -7.96 30.41
C ASP B 221 -12.71 -8.07 30.23
N TYR B 222 -13.14 -8.36 29.00
CA TYR B 222 -14.57 -8.38 28.70
C TYR B 222 -15.30 -9.44 29.51
N SER B 223 -14.76 -10.66 29.56
CA SER B 223 -15.46 -11.74 30.23
C SER B 223 -15.56 -11.50 31.73
N LYS B 224 -14.53 -10.91 32.34
CA LYS B 224 -14.53 -10.67 33.78
C LYS B 224 -15.08 -9.30 34.14
N GLY B 225 -15.23 -8.40 33.17
CA GLY B 225 -15.68 -7.05 33.47
C GLY B 225 -14.75 -6.25 34.36
N LYS B 226 -13.44 -6.51 34.26
CA LYS B 226 -12.45 -5.94 35.16
C LYS B 226 -11.42 -5.13 34.38
N CYS B 227 -10.98 -4.02 34.97
CA CYS B 227 -9.94 -3.19 34.36
C CYS B 227 -8.58 -3.80 34.66
N LEU B 228 -7.87 -4.20 33.60
CA LEU B 228 -6.55 -4.81 33.74
C LEU B 228 -5.42 -3.81 33.70
N LYS B 229 -5.56 -2.74 32.90
CA LYS B 229 -4.45 -1.79 32.75
C LYS B 229 -5.01 -0.40 32.59
N THR B 230 -4.25 0.60 33.05
CA THR B 230 -4.57 2.02 32.83
C THR B 230 -3.36 2.71 32.19
N TYR B 231 -3.62 3.46 31.12
CA TYR B 231 -2.62 4.24 30.39
C TYR B 231 -2.94 5.72 30.52
N THR B 232 -1.92 6.52 30.84
CA THR B 232 -2.13 7.94 31.01
C THR B 232 -0.82 8.68 30.71
N GLY B 233 -0.84 10.00 30.96
CA GLY B 233 0.25 10.87 30.57
C GLY B 233 -0.04 11.70 29.33
N HIS B 234 -1.11 11.39 28.60
CA HIS B 234 -1.52 12.14 27.44
C HIS B 234 -2.62 13.12 27.84
N LYS B 235 -3.10 13.90 26.88
CA LYS B 235 -4.09 14.93 27.15
C LYS B 235 -5.33 14.58 26.34
N ASN B 236 -6.44 14.31 27.04
CA ASN B 236 -7.68 13.98 26.34
C ASN B 236 -8.87 14.31 27.26
N GLU B 237 -9.41 15.52 27.10
CA GLU B 237 -10.57 15.92 27.86
C GLU B 237 -11.70 16.49 27.00
N LYS B 238 -11.55 16.54 25.68
CA LYS B 238 -12.52 17.19 24.80
C LYS B 238 -12.93 16.34 23.59
N TYR B 239 -11.97 15.75 22.90
CA TYR B 239 -12.24 15.07 21.63
C TYR B 239 -12.31 13.57 21.82
N CYS B 240 -13.12 12.91 21.00
CA CYS B 240 -13.06 11.47 20.83
C CYS B 240 -11.87 11.19 19.91
N ILE B 241 -10.90 10.44 20.41
CA ILE B 241 -9.63 10.20 19.73
C ILE B 241 -9.48 8.71 19.50
N PHE B 242 -9.18 8.33 18.27
CA PHE B 242 -8.96 6.92 17.95
C PHE B 242 -7.73 6.39 18.67
N ALA B 243 -7.86 5.21 19.27
CA ALA B 243 -6.72 4.52 19.87
C ALA B 243 -6.66 3.12 19.28
N ASN B 244 -5.51 2.46 19.44
CA ASN B 244 -5.22 1.23 18.72
C ASN B 244 -4.36 0.29 19.54
N PHE B 245 -4.49 -1.00 19.24
CA PHE B 245 -3.50 -2.01 19.60
C PHE B 245 -2.48 -2.12 18.47
N SER B 246 -1.19 -1.98 18.78
CA SER B 246 -0.13 -2.22 17.81
C SER B 246 0.44 -3.60 18.09
N VAL B 247 0.39 -4.49 17.09
CA VAL B 247 0.77 -5.88 17.31
C VAL B 247 1.80 -6.40 16.32
N THR B 248 2.32 -5.56 15.42
CA THR B 248 3.24 -6.07 14.41
C THR B 248 4.66 -6.26 14.93
N GLY B 249 5.06 -5.44 15.91
CA GLY B 249 6.37 -5.55 16.53
C GLY B 249 6.16 -5.71 18.02
N GLY B 250 6.59 -4.76 18.82
CA GLY B 250 6.20 -4.78 20.23
C GLY B 250 4.69 -4.70 20.38
N LYS B 251 4.20 -5.13 21.54
CA LYS B 251 2.77 -5.01 21.83
C LYS B 251 2.56 -3.64 22.47
N TRP B 252 2.04 -2.68 21.71
CA TRP B 252 1.83 -1.34 22.21
C TRP B 252 0.36 -0.94 22.20
N ILE B 253 0.06 0.11 22.97
CA ILE B 253 -1.16 0.91 22.83
C ILE B 253 -0.76 2.23 22.17
N VAL B 254 -1.53 2.68 21.18
CA VAL B 254 -1.23 3.90 20.44
C VAL B 254 -2.44 4.82 20.48
N SER B 255 -2.23 6.10 20.77
CA SER B 255 -3.35 7.04 20.75
C SER B 255 -2.88 8.43 20.33
N GLY B 256 -3.81 9.22 19.79
CA GLY B 256 -3.59 10.65 19.62
C GLY B 256 -3.75 11.36 20.95
N SER B 257 -3.58 12.67 20.91
CA SER B 257 -3.57 13.48 22.12
C SER B 257 -3.87 14.93 21.77
N GLU B 258 -4.40 15.66 22.74
CA GLU B 258 -4.73 17.07 22.56
C GLU B 258 -3.56 18.00 22.75
N ASP B 259 -2.38 17.48 23.12
CA ASP B 259 -1.14 18.27 23.09
C ASP B 259 -0.36 18.06 21.80
N ASN B 260 -1.03 17.54 20.76
CA ASN B 260 -0.53 17.45 19.40
C ASN B 260 0.50 16.34 19.19
N LEU B 261 0.59 15.39 20.12
CA LEU B 261 1.54 14.28 20.04
C LEU B 261 0.83 12.96 19.79
N VAL B 262 1.56 12.01 19.21
CA VAL B 262 1.14 10.62 19.22
C VAL B 262 1.79 9.93 20.41
N TYR B 263 1.00 9.29 21.26
CA TYR B 263 1.52 8.57 22.41
C TYR B 263 1.55 7.07 22.13
N ILE B 264 2.62 6.42 22.56
CA ILE B 264 2.79 4.97 22.45
C ILE B 264 3.20 4.44 23.82
N TRP B 265 2.42 3.47 24.33
CA TRP B 265 2.64 2.81 25.61
C TRP B 265 2.98 1.35 25.42
N ASN B 266 3.77 0.83 26.35
CA ASN B 266 3.92 -0.61 26.52
C ASN B 266 2.63 -1.17 27.11
N LEU B 267 1.96 -2.06 26.36
CA LEU B 267 0.67 -2.57 26.81
C LEU B 267 0.75 -3.22 28.18
N GLN B 268 1.80 -4.02 28.43
CA GLN B 268 1.87 -4.77 29.68
C GLN B 268 2.30 -3.88 30.84
N THR B 269 3.32 -3.04 30.64
CA THR B 269 3.87 -2.27 31.75
C THR B 269 3.20 -0.91 31.94
N LYS B 270 2.45 -0.43 30.96
CA LYS B 270 1.75 0.85 30.98
C LYS B 270 2.70 2.04 30.85
N GLU B 271 3.99 1.81 30.67
CA GLU B 271 4.95 2.89 30.50
C GLU B 271 4.84 3.50 29.11
N ILE B 272 4.90 4.83 29.03
CA ILE B 272 5.05 5.50 27.74
C ILE B 272 6.41 5.12 27.16
N VAL B 273 6.42 4.60 25.94
CA VAL B 273 7.67 4.25 25.29
C VAL B 273 8.04 5.21 24.18
N GLN B 274 7.08 5.97 23.63
CA GLN B 274 7.48 6.96 22.64
C GLN B 274 6.39 8.01 22.52
N LYS B 275 6.81 9.24 22.23
CA LYS B 275 5.88 10.31 21.85
C LYS B 275 6.36 10.88 20.53
N LEU B 276 5.45 10.95 19.56
CA LEU B 276 5.77 11.35 18.19
C LEU B 276 5.37 12.82 18.01
N GLN B 277 6.37 13.65 17.74
CA GLN B 277 6.18 15.09 17.60
C GLN B 277 6.24 15.50 16.13
N GLY B 278 5.39 16.45 15.77
CA GLY B 278 5.32 16.90 14.38
C GLY B 278 4.05 17.63 14.04
N HIS B 279 2.91 17.12 14.51
CA HIS B 279 1.64 17.76 14.20
C HIS B 279 1.53 19.09 14.93
N THR B 280 0.70 19.98 14.39
CA THR B 280 0.51 21.32 14.94
C THR B 280 -0.92 21.54 15.41
N ASP B 281 -1.66 20.46 15.63
CA ASP B 281 -2.99 20.51 16.21
C ASP B 281 -3.28 19.16 16.83
N VAL B 282 -4.45 19.05 17.47
CA VAL B 282 -4.87 17.82 18.12
C VAL B 282 -4.73 16.65 17.17
N VAL B 283 -4.09 15.58 17.63
CA VAL B 283 -4.00 14.35 16.85
C VAL B 283 -5.29 13.57 17.13
N ILE B 284 -6.25 13.71 16.22
CA ILE B 284 -7.60 13.18 16.43
C ILE B 284 -7.66 11.71 16.07
N SER B 285 -6.75 11.26 15.19
CA SER B 285 -6.85 9.89 14.71
C SER B 285 -5.47 9.28 14.57
N THR B 286 -5.34 8.02 15.00
CA THR B 286 -4.17 7.20 14.72
C THR B 286 -4.65 5.86 14.21
N ALA B 287 -3.81 5.21 13.42
CA ALA B 287 -4.08 3.90 12.85
C ALA B 287 -2.77 3.12 12.77
N CYS B 288 -2.85 1.81 12.99
CA CYS B 288 -1.69 0.95 12.96
C CYS B 288 -1.82 0.02 11.75
N HIS B 289 -0.75 -0.06 10.96
CA HIS B 289 -0.73 -0.89 9.76
C HIS B 289 -0.89 -2.36 10.14
N PRO B 290 -1.60 -3.16 9.33
CA PRO B 290 -1.85 -4.55 9.70
C PRO B 290 -0.64 -5.45 9.72
N THR B 291 0.43 -5.16 8.95
CA THR B 291 1.56 -6.09 8.92
C THR B 291 2.91 -5.43 9.19
N GLU B 292 3.06 -4.15 8.88
CA GLU B 292 4.33 -3.45 9.07
C GLU B 292 4.25 -2.54 10.29
N ASN B 293 5.42 -2.18 10.82
CA ASN B 293 5.49 -1.25 11.96
C ASN B 293 5.34 0.17 11.44
N ILE B 294 4.11 0.48 11.04
CA ILE B 294 3.78 1.76 10.43
C ILE B 294 2.57 2.33 11.16
N ILE B 295 2.66 3.62 11.53
CA ILE B 295 1.54 4.33 12.14
C ILE B 295 1.13 5.47 11.22
N ALA B 296 -0.18 5.67 11.06
CA ALA B 296 -0.71 6.88 10.44
C ALA B 296 -1.37 7.73 11.51
N SER B 297 -1.17 9.04 11.42
CA SER B 297 -1.79 9.98 12.36
C SER B 297 -2.40 11.14 11.59
N ALA B 298 -3.41 11.77 12.19
CA ALA B 298 -4.09 12.86 11.50
C ALA B 298 -4.58 13.87 12.52
N ALA B 299 -4.62 15.16 12.09
CA ALA B 299 -4.81 16.28 13.02
C ALA B 299 -5.87 17.27 12.52
N LEU B 300 -6.29 18.14 13.45
CA LEU B 300 -7.41 19.07 13.25
C LEU B 300 -6.99 20.32 12.45
N GLU B 301 -7.82 21.37 12.50
CA GLU B 301 -7.87 22.37 11.42
C GLU B 301 -6.57 23.17 11.28
N ASN B 302 -5.84 23.42 12.37
CA ASN B 302 -4.59 24.16 12.22
C ASN B 302 -3.51 23.36 11.50
N ASP B 303 -3.71 22.05 11.35
CA ASP B 303 -2.72 21.16 10.75
C ASP B 303 -3.23 20.59 9.43
N LYS B 304 -4.32 19.82 9.48
CA LYS B 304 -5.01 19.27 8.32
C LYS B 304 -4.17 18.25 7.57
N THR B 305 -3.08 17.75 8.15
CA THR B 305 -2.27 16.76 7.45
C THR B 305 -2.35 15.40 8.12
N ILE B 306 -1.94 14.40 7.34
CA ILE B 306 -1.76 13.02 7.79
C ILE B 306 -0.27 12.74 7.77
N LYS B 307 0.24 12.09 8.81
CA LYS B 307 1.65 11.74 8.87
C LYS B 307 1.78 10.22 8.93
N LEU B 308 2.75 9.70 8.19
CA LEU B 308 3.08 8.27 8.18
C LEU B 308 4.43 8.10 8.86
N TRP B 309 4.48 7.21 9.85
CA TRP B 309 5.66 6.99 10.67
C TRP B 309 6.05 5.52 10.56
N LYS B 310 7.36 5.25 10.60
CA LYS B 310 7.81 3.86 10.56
C LYS B 310 8.86 3.60 11.62
N SER B 311 8.78 2.40 12.23
CA SER B 311 9.72 1.95 13.23
C SER B 311 10.39 0.63 12.83
N ASP B 312 11.53 0.35 13.44
CA ASP B 312 12.17 -0.95 13.26
C ASP B 312 11.61 -2.05 14.16
N CYS B 313 10.76 -1.71 15.12
CA CYS B 313 10.20 -2.73 16.00
C CYS B 313 8.89 -2.29 16.66
#